data_8JH9
#
_entry.id   8JH9
#
_cell.length_a   101.274
_cell.length_b   38.572
_cell.length_c   77.878
_cell.angle_alpha   90.000
_cell.angle_beta   125.563
_cell.angle_gamma   90.000
#
_symmetry.space_group_name_H-M   'C 1 2 1'
#
loop_
_entity.id
_entity.type
_entity.pdbx_description
1 polymer 'Feruloyl esterase with ferulic acid'
2 branched 2-acetamido-2-deoxy-beta-D-glucopyranose-(1-4)-2-acetamido-2-deoxy-beta-D-glucopyranose
3 non-polymer '3-(4-HYDROXY-3-METHOXYPHENYL)-2-PROPENOIC ACID'
4 non-polymer 'MAGNESIUM ION'
5 water water
#
_entity_poly.entity_id   1
_entity_poly.type   'polypeptide(L)'
_entity_poly.pdbx_seq_one_letter_code
;HHHHHHQNTAGCGQNPPSSGVKSINVGGMNREYILQLPNNYDPNKGHMLIFGLHWLSGSMHDVHPNYYGLRQLAGNNAIF
ISPNGINNGWANDGGRDVNFIDAILQQVRSQLCINDSQIFATGFSFGGGMSYALGCARANVFRAIAPIAGAQISGCSGGT
SPIAFLGIHGTNDDVLPIAMGRQVRDRFLQNNGCQPKNAPEPGWGQGPIKTEYSCQPNYPVTWIAFSGGHDPNQSFVGRE
IWDFFSQF
;
_entity_poly.pdbx_strand_id   A
#
# COMPACT_ATOMS: atom_id res chain seq x y z
N GLN A 7 4.12 -2.51 19.05
CA GLN A 7 4.30 -1.50 20.10
CA GLN A 7 4.19 -1.53 20.14
C GLN A 7 3.70 -0.16 19.67
N ASN A 8 3.11 0.57 20.61
CA ASN A 8 2.38 1.79 20.29
C ASN A 8 3.27 3.03 20.31
N THR A 9 2.82 4.06 19.59
CA THR A 9 3.59 5.27 19.37
C THR A 9 3.34 6.29 20.48
N ALA A 10 4.12 7.38 20.43
CA ALA A 10 4.08 8.40 21.48
C ALA A 10 2.78 9.19 21.47
N GLY A 11 2.05 9.20 20.36
CA GLY A 11 0.80 9.92 20.33
C GLY A 11 -0.31 9.29 21.14
N CYS A 12 -0.13 8.07 21.63
CA CYS A 12 -1.17 7.42 22.41
C CYS A 12 -1.48 8.25 23.65
N GLY A 13 -2.77 8.42 23.94
CA GLY A 13 -3.19 9.19 25.09
C GLY A 13 -3.23 10.67 24.90
N GLN A 14 -2.85 11.17 23.73
CA GLN A 14 -2.89 12.60 23.43
C GLN A 14 -4.24 12.98 22.82
N ASN A 15 -4.65 14.22 23.07
CA ASN A 15 -5.83 14.75 22.41
C ASN A 15 -5.61 14.69 20.89
N PRO A 16 -6.56 14.15 20.13
CA PRO A 16 -6.30 13.92 18.69
C PRO A 16 -6.49 15.18 17.88
N PRO A 17 -5.81 15.29 16.73
CA PRO A 17 -6.13 16.37 15.79
C PRO A 17 -7.43 16.06 15.07
N SER A 18 -7.88 16.96 14.23
CA SER A 18 -9.07 16.73 13.42
CA SER A 18 -9.06 16.75 13.41
C SER A 18 -8.68 16.05 12.11
N SER A 19 -9.64 15.32 11.54
CA SER A 19 -9.44 14.78 10.19
C SER A 19 -9.51 15.93 9.19
N GLY A 20 -8.88 15.72 8.02
CA GLY A 20 -8.95 16.72 6.97
C GLY A 20 -7.63 16.86 6.24
N VAL A 21 -7.51 17.92 5.45
CA VAL A 21 -6.30 18.19 4.66
C VAL A 21 -5.25 18.80 5.56
N LYS A 22 -4.05 18.23 5.55
CA LYS A 22 -2.92 18.72 6.32
C LYS A 22 -1.82 19.14 5.37
N SER A 23 -1.00 20.10 5.79
CA SER A 23 0.19 20.45 5.02
C SER A 23 1.42 20.21 5.89
N ILE A 24 2.54 19.96 5.24
CA ILE A 24 3.75 19.59 5.96
C ILE A 24 4.94 20.06 5.14
N ASN A 25 5.96 20.55 5.83
CA ASN A 25 7.18 21.03 5.18
C ASN A 25 8.16 19.87 5.06
N VAL A 26 8.53 19.53 3.84
CA VAL A 26 9.48 18.45 3.58
C VAL A 26 10.72 19.09 2.95
N GLY A 27 11.75 19.34 3.76
CA GLY A 27 12.99 19.93 3.24
C GLY A 27 12.79 21.22 2.47
N GLY A 28 11.89 22.09 2.95
CA GLY A 28 11.58 23.33 2.26
C GLY A 28 10.41 23.25 1.28
N MET A 29 9.92 22.06 0.95
CA MET A 29 8.84 21.92 -0.01
C MET A 29 7.53 21.72 0.75
N ASN A 30 6.54 22.54 0.47
CA ASN A 30 5.25 22.36 1.12
C ASN A 30 4.45 21.28 0.42
N ARG A 31 4.00 20.28 1.17
CA ARG A 31 3.30 19.15 0.62
C ARG A 31 2.05 18.89 1.44
N GLU A 32 1.12 18.09 0.90
CA GLU A 32 -0.20 17.97 1.50
CA GLU A 32 -0.21 17.98 1.49
C GLU A 32 -0.66 16.52 1.54
N TYR A 33 -1.46 16.21 2.55
CA TYR A 33 -2.08 14.90 2.64
C TYR A 33 -3.42 15.02 3.36
N ILE A 34 -4.27 14.03 3.15
CA ILE A 34 -5.53 13.90 3.89
C ILE A 34 -5.35 12.88 5.00
N LEU A 35 -5.72 13.28 6.22
CA LEU A 35 -5.78 12.39 7.37
C LEU A 35 -7.24 12.05 7.65
N GLN A 36 -7.57 10.76 7.72
CA GLN A 36 -8.94 10.34 8.02
C GLN A 36 -8.93 9.44 9.25
N LEU A 37 -9.46 9.95 10.38
CA LEU A 37 -9.61 9.16 11.58
C LEU A 37 -10.87 8.28 11.48
N PRO A 38 -10.91 7.17 12.19
CA PRO A 38 -12.14 6.36 12.25
C PRO A 38 -13.27 7.10 12.97
N ASN A 39 -14.50 6.60 12.75
CA ASN A 39 -15.69 7.22 13.36
C ASN A 39 -15.56 7.29 14.87
N ASN A 40 -15.07 6.23 15.49
CA ASN A 40 -14.82 6.20 16.92
C ASN A 40 -13.31 6.05 17.10
N TYR A 41 -12.63 7.14 17.46
CA TYR A 41 -11.19 7.14 17.64
C TYR A 41 -10.90 7.08 19.13
N ASP A 42 -10.35 5.96 19.58
CA ASP A 42 -9.92 5.78 20.97
C ASP A 42 -8.43 6.11 21.03
N PRO A 43 -8.03 7.23 21.64
CA PRO A 43 -6.61 7.62 21.63
C PRO A 43 -5.72 6.71 22.45
N ASN A 44 -6.29 5.75 23.17
CA ASN A 44 -5.52 4.81 23.99
C ASN A 44 -5.32 3.45 23.32
N LYS A 45 -5.89 3.26 22.14
CA LYS A 45 -5.81 1.99 21.42
C LYS A 45 -4.89 2.14 20.21
N GLY A 46 -3.95 1.22 20.04
CA GLY A 46 -3.08 1.27 18.87
C GLY A 46 -3.87 0.94 17.60
N HIS A 47 -3.69 1.74 16.55
CA HIS A 47 -4.42 1.59 15.31
C HIS A 47 -3.49 1.16 14.17
N MET A 48 -4.08 0.50 13.16
CA MET A 48 -3.38 0.34 11.89
C MET A 48 -3.27 1.70 11.19
N LEU A 49 -2.23 1.86 10.39
CA LEU A 49 -2.03 3.07 9.59
C LEU A 49 -1.91 2.65 8.13
N ILE A 50 -2.82 3.13 7.29
CA ILE A 50 -2.89 2.67 5.90
C ILE A 50 -2.73 3.87 4.98
N PHE A 51 -1.67 3.87 4.18
CA PHE A 51 -1.49 4.87 3.16
C PHE A 51 -2.14 4.38 1.86
N GLY A 52 -3.00 5.19 1.27
CA GLY A 52 -3.55 4.91 -0.06
C GLY A 52 -3.02 5.93 -1.06
N LEU A 53 -2.41 5.45 -2.14
CA LEU A 53 -1.64 6.30 -3.04
C LEU A 53 -2.32 6.37 -4.41
N HIS A 54 -2.53 7.60 -4.90
CA HIS A 54 -3.27 7.80 -6.15
C HIS A 54 -2.42 7.47 -7.38
N TRP A 55 -3.08 7.51 -8.54
CA TRP A 55 -2.50 7.15 -9.83
C TRP A 55 -2.14 8.42 -10.61
N LEU A 56 -1.58 8.23 -11.81
CA LEU A 56 -1.17 9.34 -12.65
C LEU A 56 -2.38 10.13 -13.12
N SER A 57 -2.30 11.45 -12.99
CA SER A 57 -3.34 12.44 -13.29
CA SER A 57 -3.33 12.44 -13.27
C SER A 57 -4.42 12.46 -12.20
N GLY A 58 -4.33 11.59 -11.19
CA GLY A 58 -5.22 11.65 -10.05
C GLY A 58 -4.63 12.56 -8.98
N SER A 59 -5.28 12.56 -7.81
CA SER A 59 -4.81 13.33 -6.68
C SER A 59 -5.24 12.64 -5.40
N MET A 60 -4.84 13.22 -4.25
CA MET A 60 -5.24 12.67 -2.97
C MET A 60 -6.76 12.63 -2.84
N HIS A 61 -7.47 13.54 -3.52
CA HIS A 61 -8.93 13.59 -3.45
C HIS A 61 -9.61 12.45 -4.21
N ASP A 62 -8.90 11.70 -5.03
CA ASP A 62 -9.48 10.55 -5.70
C ASP A 62 -9.40 9.27 -4.86
N VAL A 63 -8.43 9.17 -3.97
CA VAL A 63 -8.30 7.99 -3.12
C VAL A 63 -9.24 8.10 -1.92
N HIS A 64 -9.22 9.25 -1.25
CA HIS A 64 -10.24 9.60 -0.28
C HIS A 64 -11.59 9.75 -0.99
N PRO A 65 -12.71 9.32 -0.37
CA PRO A 65 -12.87 8.80 0.99
C PRO A 65 -12.94 7.27 1.09
N ASN A 66 -12.79 6.56 -0.03
CA ASN A 66 -13.07 5.14 -0.04
C ASN A 66 -11.85 4.26 0.15
N TYR A 67 -10.67 4.77 -0.20
CA TYR A 67 -9.39 4.08 0.02
C TYR A 67 -9.42 2.67 -0.57
N TYR A 68 -9.83 2.60 -1.84
CA TYR A 68 -9.84 1.36 -2.63
C TYR A 68 -10.75 0.30 -2.04
N GLY A 69 -11.81 0.71 -1.36
CA GLY A 69 -12.69 -0.25 -0.73
C GLY A 69 -12.34 -0.64 0.69
N LEU A 70 -11.24 -0.10 1.25
CA LEU A 70 -10.85 -0.50 2.59
C LEU A 70 -11.65 0.20 3.66
N ARG A 71 -12.10 1.43 3.39
CA ARG A 71 -12.73 2.24 4.42
C ARG A 71 -13.99 1.57 4.96
N GLN A 72 -14.79 0.97 4.08
CA GLN A 72 -16.06 0.36 4.49
C GLN A 72 -15.85 -0.92 5.28
N LEU A 73 -14.68 -1.54 5.16
CA LEU A 73 -14.41 -2.79 5.85
C LEU A 73 -13.62 -2.62 7.14
N ALA A 74 -12.96 -1.47 7.34
CA ALA A 74 -11.94 -1.37 8.37
C ALA A 74 -12.50 -1.11 9.76
N GLY A 75 -13.78 -0.75 9.89
CA GLY A 75 -14.31 -0.47 11.22
C GLY A 75 -13.61 0.72 11.84
N ASN A 76 -13.29 0.62 13.14
CA ASN A 76 -12.54 1.65 13.84
C ASN A 76 -11.07 1.32 13.97
N ASN A 77 -10.60 0.27 13.30
CA ASN A 77 -9.27 -0.23 13.58
CA ASN A 77 -9.27 -0.29 13.52
C ASN A 77 -8.17 0.51 12.82
N ALA A 78 -8.50 1.29 11.79
CA ALA A 78 -7.50 1.87 10.92
C ALA A 78 -7.61 3.39 10.83
N ILE A 79 -6.45 4.03 10.73
CA ILE A 79 -6.32 5.43 10.32
C ILE A 79 -5.85 5.44 8.88
N PHE A 80 -6.44 6.30 8.07
CA PHE A 80 -6.15 6.36 6.64
C PHE A 80 -5.45 7.67 6.30
N ILE A 81 -4.53 7.62 5.34
CA ILE A 81 -3.81 8.79 4.88
C ILE A 81 -3.76 8.76 3.36
N SER A 82 -4.13 9.87 2.74
CA SER A 82 -4.07 9.98 1.28
C SER A 82 -3.10 11.11 0.97
N PRO A 83 -1.84 10.81 0.68
CA PRO A 83 -0.88 11.88 0.35
C PRO A 83 -1.02 12.34 -1.10
N ASN A 84 -0.59 13.58 -1.36
CA ASN A 84 -0.74 14.16 -2.69
C ASN A 84 0.61 14.13 -3.41
N GLY A 85 0.61 13.61 -4.64
CA GLY A 85 1.84 13.56 -5.41
C GLY A 85 2.11 14.88 -6.13
N ILE A 86 3.40 15.16 -6.34
CA ILE A 86 3.78 16.29 -7.19
C ILE A 86 3.51 15.94 -8.64
N ASN A 87 2.95 16.88 -9.41
CA ASN A 87 2.65 16.64 -10.82
C ASN A 87 1.67 15.50 -11.01
N ASN A 88 0.73 15.33 -10.08
CA ASN A 88 -0.26 14.25 -10.15
C ASN A 88 0.40 12.89 -10.33
N GLY A 89 1.57 12.69 -9.73
CA GLY A 89 2.27 11.44 -9.90
C GLY A 89 3.21 11.13 -8.76
N TRP A 90 3.90 9.98 -8.87
CA TRP A 90 4.86 9.54 -7.87
C TRP A 90 6.22 9.27 -8.49
N ALA A 91 6.77 10.27 -9.19
CA ALA A 91 8.07 10.08 -9.86
C ALA A 91 9.17 9.76 -8.85
N ASN A 92 9.07 10.31 -7.64
CA ASN A 92 10.00 9.97 -6.55
C ASN A 92 11.44 10.33 -6.91
N ASP A 93 11.62 11.48 -7.56
CA ASP A 93 12.95 11.93 -7.99
C ASP A 93 13.92 11.98 -6.82
N GLY A 94 15.00 11.22 -6.92
CA GLY A 94 16.01 11.22 -5.87
C GLY A 94 15.48 10.83 -4.52
N GLY A 95 14.38 10.07 -4.46
CA GLY A 95 13.81 9.67 -3.20
C GLY A 95 12.93 10.69 -2.51
N ARG A 96 12.54 11.78 -3.18
CA ARG A 96 11.80 12.85 -2.51
CA ARG A 96 11.83 12.82 -2.45
C ARG A 96 10.44 12.39 -2.02
N ASP A 97 9.84 11.39 -2.69
CA ASP A 97 8.54 10.93 -2.23
C ASP A 97 8.66 9.96 -1.06
N VAL A 98 9.74 9.17 -1.01
CA VAL A 98 10.01 8.39 0.19
C VAL A 98 10.22 9.33 1.37
N ASN A 99 10.93 10.44 1.16
CA ASN A 99 11.17 11.43 2.20
C ASN A 99 9.88 12.07 2.68
N PHE A 100 8.96 12.35 1.76
CA PHE A 100 7.63 12.85 2.12
C PHE A 100 6.94 11.89 3.09
N ILE A 101 6.94 10.60 2.77
CA ILE A 101 6.28 9.62 3.64
C ILE A 101 6.99 9.55 4.99
N ASP A 102 8.33 9.64 4.99
CA ASP A 102 9.06 9.69 6.25
C ASP A 102 8.59 10.85 7.12
N ALA A 103 8.35 12.00 6.50
CA ALA A 103 7.94 13.17 7.26
C ALA A 103 6.52 13.02 7.80
N ILE A 104 5.59 12.49 6.99
CA ILE A 104 4.25 12.22 7.49
CA ILE A 104 4.24 12.20 7.48
C ILE A 104 4.30 11.28 8.68
N LEU A 105 5.09 10.20 8.57
CA LEU A 105 5.17 9.21 9.65
C LEU A 105 5.67 9.84 10.94
N GLN A 106 6.73 10.65 10.85
CA GLN A 106 7.25 11.31 12.04
C GLN A 106 6.16 12.16 12.70
N GLN A 107 5.34 12.84 11.90
CA GLN A 107 4.32 13.71 12.45
C GLN A 107 3.16 12.92 13.06
N VAL A 108 2.59 11.96 12.31
CA VAL A 108 1.38 11.32 12.81
C VAL A 108 1.66 10.35 13.96
N ARG A 109 2.84 9.72 13.98
CA ARG A 109 3.17 8.85 15.11
C ARG A 109 3.23 9.63 16.43
N SER A 110 3.58 10.91 16.39
CA SER A 110 3.63 11.71 17.60
CA SER A 110 3.63 11.70 17.61
C SER A 110 2.27 12.26 18.01
N GLN A 111 1.30 12.28 17.08
CA GLN A 111 -0.02 12.84 17.34
C GLN A 111 -1.08 11.78 17.61
N LEU A 112 -0.89 10.56 17.13
CA LEU A 112 -1.95 9.57 17.08
C LEU A 112 -1.45 8.26 17.67
N CYS A 113 -2.40 7.42 18.09
CA CYS A 113 -2.05 6.15 18.72
C CYS A 113 -1.98 5.10 17.62
N ILE A 114 -0.77 4.81 17.17
CA ILE A 114 -0.53 3.90 16.07
C ILE A 114 0.24 2.70 16.60
N ASN A 115 -0.11 1.51 16.13
CA ASN A 115 0.67 0.30 16.37
C ASN A 115 1.73 0.22 15.29
N ASP A 116 3.01 0.35 15.69
CA ASP A 116 4.11 0.42 14.72
C ASP A 116 4.26 -0.85 13.89
N SER A 117 3.70 -1.98 14.32
CA SER A 117 3.79 -3.19 13.54
CA SER A 117 3.77 -3.21 13.57
C SER A 117 2.64 -3.35 12.56
N GLN A 118 1.80 -2.31 12.39
CA GLN A 118 0.66 -2.39 11.48
C GLN A 118 0.59 -1.14 10.58
N ILE A 119 1.67 -0.87 9.86
CA ILE A 119 1.72 0.27 8.92
C ILE A 119 1.77 -0.31 7.52
N PHE A 120 0.89 0.17 6.65
CA PHE A 120 0.64 -0.49 5.37
C PHE A 120 0.58 0.57 4.26
N ALA A 121 0.85 0.13 3.03
CA ALA A 121 0.68 1.01 1.87
C ALA A 121 0.04 0.25 0.72
N THR A 122 -0.87 0.93 0.01
CA THR A 122 -1.46 0.33 -1.18
C THR A 122 -1.73 1.44 -2.17
N GLY A 123 -1.81 1.07 -3.44
CA GLY A 123 -2.21 2.04 -4.43
C GLY A 123 -2.28 1.40 -5.80
N PHE A 124 -2.84 2.15 -6.73
CA PHE A 124 -3.13 1.68 -8.07
C PHE A 124 -2.20 2.34 -9.08
N SER A 125 -1.60 1.53 -9.96
CA SER A 125 -0.77 2.02 -11.05
CA SER A 125 -0.76 2.02 -11.04
C SER A 125 0.44 2.79 -10.52
N PHE A 126 0.47 4.11 -10.78
CA PHE A 126 1.59 4.90 -10.26
C PHE A 126 1.65 4.79 -8.74
N GLY A 127 0.49 4.74 -8.08
CA GLY A 127 0.48 4.52 -6.64
C GLY A 127 0.91 3.13 -6.25
N GLY A 128 0.74 2.16 -7.15
CA GLY A 128 1.30 0.84 -6.90
C GLY A 128 2.81 0.84 -7.05
N GLY A 129 3.33 1.57 -8.05
CA GLY A 129 4.77 1.77 -8.14
C GLY A 129 5.33 2.42 -6.89
N MET A 130 4.62 3.41 -6.35
CA MET A 130 5.10 4.09 -5.14
C MET A 130 5.05 3.15 -3.93
N SER A 131 4.00 2.31 -3.80
CA SER A 131 3.99 1.31 -2.74
CA SER A 131 4.01 1.34 -2.72
C SER A 131 5.20 0.40 -2.83
N TYR A 132 5.54 -0.01 -4.05
CA TYR A 132 6.73 -0.82 -4.30
C TYR A 132 8.00 -0.12 -3.86
N ALA A 133 8.14 1.18 -4.17
CA ALA A 133 9.30 1.95 -3.75
C ALA A 133 9.44 1.99 -2.24
N LEU A 134 8.31 2.09 -1.52
CA LEU A 134 8.34 2.05 -0.06
C LEU A 134 8.75 0.68 0.45
N GLY A 135 8.29 -0.38 -0.20
CA GLY A 135 8.73 -1.70 0.20
C GLY A 135 10.21 -1.92 -0.05
N CYS A 136 10.76 -1.31 -1.10
CA CYS A 136 12.19 -1.41 -1.38
C CYS A 136 13.02 -0.70 -0.31
N ALA A 137 12.64 0.52 0.06
CA ALA A 137 13.47 1.40 0.86
C ALA A 137 13.11 1.42 2.34
N ARG A 138 11.92 0.98 2.71
CA ARG A 138 11.43 1.14 4.06
C ARG A 138 10.79 -0.15 4.56
N ALA A 139 11.42 -1.28 4.24
CA ALA A 139 10.91 -2.57 4.68
C ALA A 139 10.90 -2.72 6.20
N ASN A 140 11.69 -1.89 6.90
CA ASN A 140 11.65 -1.91 8.35
C ASN A 140 10.46 -1.17 8.92
N VAL A 141 9.85 -0.28 8.14
CA VAL A 141 8.69 0.48 8.60
C VAL A 141 7.38 -0.20 8.22
N PHE A 142 7.23 -0.62 6.97
CA PHE A 142 5.96 -1.14 6.48
C PHE A 142 5.85 -2.64 6.73
N ARG A 143 4.71 -3.07 7.29
CA ARG A 143 4.46 -4.49 7.50
C ARG A 143 4.11 -5.20 6.20
N ALA A 144 3.41 -4.52 5.29
CA ALA A 144 3.02 -5.15 4.02
C ALA A 144 2.69 -4.05 3.03
N ILE A 145 2.82 -4.38 1.75
CA ILE A 145 2.40 -3.50 0.66
C ILE A 145 1.49 -4.28 -0.27
N ALA A 146 0.60 -3.56 -0.97
CA ALA A 146 -0.35 -4.18 -1.90
C ALA A 146 -0.48 -3.32 -3.15
N PRO A 147 0.44 -3.47 -4.11
CA PRO A 147 0.29 -2.75 -5.38
CA PRO A 147 0.29 -2.75 -5.38
C PRO A 147 -0.83 -3.35 -6.22
N ILE A 148 -1.68 -2.47 -6.77
CA ILE A 148 -2.73 -2.84 -7.71
C ILE A 148 -2.27 -2.34 -9.08
N ALA A 149 -2.07 -3.25 -10.02
CA ALA A 149 -1.47 -2.92 -11.32
C ALA A 149 -0.20 -2.10 -11.11
N GLY A 150 0.72 -2.64 -10.31
CA GLY A 150 1.97 -1.95 -10.06
C GLY A 150 3.07 -2.30 -11.07
N ALA A 151 4.14 -1.52 -11.01
CA ALA A 151 5.32 -1.70 -11.84
C ALA A 151 6.44 -0.89 -11.20
N GLN A 152 7.68 -1.15 -11.63
CA GLN A 152 8.82 -0.40 -11.13
C GLN A 152 8.92 0.90 -11.89
N ILE A 153 8.08 1.87 -11.49
CA ILE A 153 8.00 3.17 -12.14
C ILE A 153 8.24 4.30 -11.17
N SER A 154 8.42 4.02 -9.89
CA SER A 154 8.79 5.02 -8.90
C SER A 154 10.17 4.76 -8.31
N GLY A 155 10.96 3.89 -8.94
CA GLY A 155 12.27 3.54 -8.40
C GLY A 155 12.18 2.38 -7.44
N CYS A 156 13.36 1.96 -6.96
CA CYS A 156 13.47 0.91 -5.93
C CYS A 156 14.89 1.00 -5.37
N SER A 157 15.05 1.69 -4.25
CA SER A 157 16.36 1.82 -3.62
C SER A 157 16.44 0.82 -2.47
N GLY A 158 17.39 -0.11 -2.57
CA GLY A 158 17.46 -1.17 -1.59
C GLY A 158 16.87 -2.41 -2.20
N GLY A 159 15.67 -2.77 -1.76
CA GLY A 159 14.94 -3.84 -2.40
C GLY A 159 15.48 -5.22 -2.17
N THR A 160 16.30 -5.41 -1.13
CA THR A 160 16.76 -6.75 -0.79
C THR A 160 16.11 -7.30 0.48
N SER A 161 15.37 -6.45 1.26
CA SER A 161 14.80 -6.94 2.50
C SER A 161 13.42 -7.57 2.26
N PRO A 162 13.05 -8.55 3.07
CA PRO A 162 11.72 -9.15 2.93
C PRO A 162 10.63 -8.24 3.46
N ILE A 163 9.46 -8.33 2.84
CA ILE A 163 8.27 -7.63 3.33
C ILE A 163 7.07 -8.36 2.74
N ALA A 164 6.03 -8.50 3.56
CA ALA A 164 4.85 -9.21 3.10
C ALA A 164 4.24 -8.47 1.91
N PHE A 165 3.77 -9.22 0.92
CA PHE A 165 3.44 -8.65 -0.38
C PHE A 165 2.15 -9.27 -0.92
N LEU A 166 1.21 -8.40 -1.34
CA LEU A 166 0.04 -8.82 -2.10
C LEU A 166 0.03 -8.04 -3.42
N GLY A 167 0.03 -8.75 -4.54
CA GLY A 167 -0.03 -8.13 -5.86
C GLY A 167 -1.34 -8.45 -6.58
N ILE A 168 -1.93 -7.45 -7.20
CA ILE A 168 -3.17 -7.60 -7.95
C ILE A 168 -2.97 -7.01 -9.34
N HIS A 169 -3.41 -7.72 -10.37
CA HIS A 169 -3.13 -7.26 -11.73
C HIS A 169 -4.10 -7.91 -12.71
N GLY A 170 -4.50 -7.14 -13.73
CA GLY A 170 -5.40 -7.64 -14.75
C GLY A 170 -4.66 -8.17 -15.97
N THR A 171 -5.09 -9.33 -16.48
CA THR A 171 -4.39 -9.97 -17.57
C THR A 171 -4.44 -9.15 -18.86
N ASN A 172 -5.51 -8.36 -19.05
CA ASN A 172 -5.67 -7.55 -20.26
C ASN A 172 -5.38 -6.07 -20.01
N ASP A 173 -4.54 -5.75 -19.02
CA ASP A 173 -4.14 -4.37 -18.78
C ASP A 173 -3.24 -3.91 -19.92
N ASP A 174 -3.70 -2.92 -20.68
CA ASP A 174 -2.95 -2.38 -21.82
CA ASP A 174 -2.95 -2.38 -21.82
C ASP A 174 -2.10 -1.17 -21.46
N VAL A 175 -2.18 -0.69 -20.22
CA VAL A 175 -1.39 0.47 -19.80
C VAL A 175 -0.12 0.04 -19.07
N LEU A 176 -0.25 -0.78 -18.05
CA LEU A 176 0.91 -1.42 -17.41
C LEU A 176 0.72 -2.92 -17.57
N PRO A 177 1.33 -3.54 -18.57
CA PRO A 177 1.08 -4.97 -18.82
C PRO A 177 1.44 -5.82 -17.61
N ILE A 178 0.72 -6.95 -17.47
CA ILE A 178 0.82 -7.78 -16.27
C ILE A 178 2.24 -8.30 -16.05
N ALA A 179 3.03 -8.43 -17.12
CA ALA A 179 4.41 -8.85 -16.95
C ALA A 179 5.19 -7.85 -16.09
N MET A 180 4.82 -6.57 -16.12
CA MET A 180 5.48 -5.58 -15.27
CA MET A 180 5.50 -5.60 -15.27
C MET A 180 5.13 -5.82 -13.79
N GLY A 181 3.89 -6.22 -13.53
CA GLY A 181 3.51 -6.55 -12.16
C GLY A 181 4.18 -7.82 -11.67
N ARG A 182 4.39 -8.79 -12.55
CA ARG A 182 5.05 -10.04 -12.15
C ARG A 182 6.50 -9.78 -11.74
N GLN A 183 7.16 -8.82 -12.40
CA GLN A 183 8.52 -8.44 -12.01
C GLN A 183 8.56 -7.99 -10.55
N VAL A 184 7.62 -7.11 -10.19
CA VAL A 184 7.53 -6.63 -8.80
C VAL A 184 7.35 -7.81 -7.85
N ARG A 185 6.41 -8.71 -8.19
CA ARG A 185 6.13 -9.88 -7.35
C ARG A 185 7.38 -10.76 -7.18
N ASP A 186 8.07 -11.03 -8.29
CA ASP A 186 9.19 -11.97 -8.27
C ASP A 186 10.33 -11.49 -7.39
N ARG A 187 10.45 -10.17 -7.19
CA ARG A 187 11.47 -9.67 -6.27
C ARG A 187 11.21 -10.15 -4.86
N PHE A 188 9.95 -10.12 -4.43
CA PHE A 188 9.68 -10.53 -3.06
C PHE A 188 9.53 -12.03 -2.93
N LEU A 189 9.22 -12.75 -4.01
CA LEU A 189 9.35 -14.20 -3.96
C LEU A 189 10.78 -14.59 -3.60
N GLN A 190 11.76 -13.89 -4.16
CA GLN A 190 13.15 -14.12 -3.77
C GLN A 190 13.43 -13.62 -2.35
N ASN A 191 13.16 -12.33 -2.08
CA ASN A 191 13.50 -11.75 -0.77
C ASN A 191 12.86 -12.52 0.38
N ASN A 192 11.64 -13.01 0.19
CA ASN A 192 10.88 -13.64 1.26
C ASN A 192 11.14 -15.14 1.38
N GLY A 193 12.05 -15.69 0.59
CA GLY A 193 12.35 -17.10 0.64
C GLY A 193 11.16 -17.98 0.29
N CYS A 194 10.50 -17.68 -0.83
CA CYS A 194 9.33 -18.46 -1.24
C CYS A 194 9.74 -19.63 -2.12
N GLN A 195 9.05 -20.75 -1.97
CA GLN A 195 9.29 -21.89 -2.84
C GLN A 195 8.70 -21.62 -4.22
N PRO A 196 9.40 -21.99 -5.29
CA PRO A 196 8.86 -21.81 -6.63
C PRO A 196 7.51 -22.50 -6.77
N LYS A 197 6.60 -21.84 -7.47
CA LYS A 197 5.24 -22.33 -7.63
CA LYS A 197 5.24 -22.35 -7.65
C LYS A 197 4.65 -21.66 -8.86
N ASN A 198 3.83 -22.40 -9.61
CA ASN A 198 3.17 -21.84 -10.77
CA ASN A 198 3.18 -21.83 -10.77
C ASN A 198 1.96 -21.03 -10.33
N ALA A 199 1.84 -19.81 -10.86
CA ALA A 199 0.69 -18.97 -10.57
C ALA A 199 -0.18 -18.86 -11.82
N PRO A 200 -1.24 -19.66 -11.95
CA PRO A 200 -2.11 -19.55 -13.12
C PRO A 200 -2.86 -18.24 -13.14
N GLU A 201 -3.19 -17.79 -14.33
CA GLU A 201 -3.90 -16.53 -14.50
C GLU A 201 -5.14 -16.78 -15.36
N PRO A 202 -6.22 -16.05 -15.11
CA PRO A 202 -7.52 -16.45 -15.69
C PRO A 202 -7.60 -16.16 -17.17
N GLY A 203 -8.44 -16.96 -17.84
CA GLY A 203 -8.82 -16.67 -19.20
C GLY A 203 -9.84 -15.55 -19.29
N TRP A 204 -10.15 -15.17 -20.52
CA TRP A 204 -11.11 -14.10 -20.75
C TRP A 204 -12.45 -14.48 -20.13
N GLY A 205 -13.07 -13.51 -19.47
CA GLY A 205 -14.36 -13.74 -18.86
C GLY A 205 -14.38 -14.70 -17.69
N GLN A 206 -13.22 -15.12 -17.19
CA GLN A 206 -13.17 -16.01 -16.04
C GLN A 206 -12.85 -15.23 -14.76
N GLY A 207 -13.19 -15.83 -13.62
CA GLY A 207 -13.00 -15.19 -12.33
C GLY A 207 -11.54 -15.11 -11.92
N PRO A 208 -11.26 -14.29 -10.90
CA PRO A 208 -9.87 -14.09 -10.47
CA PRO A 208 -9.87 -14.08 -10.49
C PRO A 208 -9.26 -15.36 -9.92
N ILE A 209 -7.94 -15.47 -10.05
CA ILE A 209 -7.20 -16.60 -9.51
C ILE A 209 -6.19 -16.09 -8.50
N LYS A 210 -6.33 -16.53 -7.26
CA LYS A 210 -5.41 -16.16 -6.19
C LYS A 210 -4.44 -17.29 -5.93
N THR A 211 -3.15 -16.97 -5.95
CA THR A 211 -2.08 -17.91 -5.66
CA THR A 211 -2.08 -17.91 -5.66
C THR A 211 -1.37 -17.48 -4.40
N GLU A 212 -1.35 -18.36 -3.39
CA GLU A 212 -0.66 -18.11 -2.13
C GLU A 212 0.60 -18.95 -2.10
N TYR A 213 1.74 -18.29 -1.97
CA TYR A 213 3.02 -18.96 -1.99
C TYR A 213 3.42 -19.43 -0.58
N SER A 214 4.37 -20.36 -0.54
N SER A 214 4.37 -20.36 -0.54
CA SER A 214 4.95 -20.83 0.72
CA SER A 214 4.96 -20.85 0.71
C SER A 214 6.29 -20.14 0.92
C SER A 214 6.29 -20.14 0.92
N CYS A 215 6.33 -19.23 1.89
CA CYS A 215 7.49 -18.38 2.13
C CYS A 215 7.87 -18.47 3.60
N GLN A 216 8.90 -17.71 3.97
CA GLN A 216 9.25 -17.56 5.38
C GLN A 216 8.00 -17.15 6.17
N PRO A 217 7.86 -17.57 7.42
N PRO A 217 7.83 -17.67 7.38
CA PRO A 217 6.54 -17.46 8.09
CA PRO A 217 6.76 -17.16 8.24
C PRO A 217 5.97 -16.04 8.17
C PRO A 217 6.90 -15.66 8.43
N ASN A 218 6.80 -15.03 8.46
N ASN A 218 5.75 -14.99 8.48
CA ASN A 218 6.35 -13.66 8.70
CA ASN A 218 5.60 -13.54 8.60
C ASN A 218 6.15 -12.86 7.40
C ASN A 218 6.02 -12.79 7.34
N TYR A 219 6.44 -13.44 6.26
CA TYR A 219 6.60 -12.73 4.98
C TYR A 219 5.86 -13.41 3.84
N PRO A 220 4.53 -13.52 3.95
CA PRO A 220 3.77 -14.18 2.88
C PRO A 220 3.76 -13.36 1.59
N VAL A 221 3.58 -14.06 0.47
CA VAL A 221 3.40 -13.44 -0.84
C VAL A 221 2.13 -14.03 -1.45
N THR A 222 1.25 -13.17 -1.94
CA THR A 222 0.04 -13.59 -2.62
C THR A 222 -0.07 -12.83 -3.93
N TRP A 223 -0.52 -13.51 -4.96
CA TRP A 223 -0.69 -12.94 -6.30
C TRP A 223 -2.12 -13.19 -6.75
N ILE A 224 -2.82 -12.13 -7.12
CA ILE A 224 -4.18 -12.27 -7.64
C ILE A 224 -4.21 -11.68 -9.05
N ALA A 225 -4.53 -12.53 -10.02
CA ALA A 225 -4.69 -12.08 -11.40
C ALA A 225 -6.16 -12.16 -11.76
N PHE A 226 -6.70 -11.06 -12.29
CA PHE A 226 -8.07 -11.03 -12.78
C PHE A 226 -8.04 -10.75 -14.28
N SER A 227 -9.16 -11.05 -14.96
CA SER A 227 -9.18 -11.07 -16.42
CA SER A 227 -9.21 -11.07 -16.42
C SER A 227 -9.53 -9.72 -17.04
N GLY A 228 -9.45 -8.63 -16.30
CA GLY A 228 -9.81 -7.32 -16.80
C GLY A 228 -8.62 -6.47 -17.21
N GLY A 229 -8.86 -5.17 -17.28
CA GLY A 229 -7.83 -4.25 -17.72
C GLY A 229 -7.33 -3.32 -16.63
N HIS A 230 -7.06 -2.08 -17.00
CA HIS A 230 -6.42 -1.10 -16.12
C HIS A 230 -7.48 -0.40 -15.27
N ASP A 231 -7.95 -1.13 -14.27
CA ASP A 231 -9.12 -0.69 -13.52
C ASP A 231 -9.07 -1.27 -12.11
N PRO A 232 -8.89 -0.44 -11.07
CA PRO A 232 -8.84 -0.96 -9.70
C PRO A 232 -10.22 -1.23 -9.10
N ASN A 233 -11.30 -0.92 -9.81
CA ASN A 233 -12.64 -1.02 -9.22
C ASN A 233 -13.25 -2.41 -9.42
N GLN A 234 -12.52 -3.45 -9.03
CA GLN A 234 -13.10 -4.79 -8.98
C GLN A 234 -13.61 -5.04 -7.57
N SER A 235 -14.69 -5.81 -7.47
CA SER A 235 -15.38 -5.95 -6.20
C SER A 235 -14.56 -6.73 -5.17
N PHE A 236 -13.62 -7.57 -5.62
CA PHE A 236 -12.82 -8.33 -4.67
C PHE A 236 -11.65 -7.53 -4.09
N VAL A 237 -11.31 -6.37 -4.67
CA VAL A 237 -10.05 -5.70 -4.33
C VAL A 237 -10.02 -5.30 -2.86
N GLY A 238 -11.02 -4.53 -2.40
CA GLY A 238 -11.02 -4.09 -1.02
C GLY A 238 -11.04 -5.25 -0.04
N ARG A 239 -11.80 -6.29 -0.36
CA ARG A 239 -11.89 -7.46 0.51
C ARG A 239 -10.54 -8.17 0.64
N GLU A 240 -9.89 -8.45 -0.50
CA GLU A 240 -8.63 -9.19 -0.45
C GLU A 240 -7.54 -8.39 0.25
N ILE A 241 -7.45 -7.09 -0.03
CA ILE A 241 -6.40 -6.29 0.61
C ILE A 241 -6.63 -6.23 2.12
N TRP A 242 -7.88 -5.99 2.54
CA TRP A 242 -8.18 -5.95 3.97
C TRP A 242 -7.87 -7.28 4.65
N ASP A 243 -8.31 -8.40 4.06
CA ASP A 243 -8.01 -9.70 4.64
C ASP A 243 -6.50 -9.93 4.73
N PHE A 244 -5.76 -9.49 3.72
CA PHE A 244 -4.30 -9.64 3.76
C PHE A 244 -3.69 -8.79 4.86
N PHE A 245 -4.09 -7.51 4.95
CA PHE A 245 -3.53 -6.61 5.96
C PHE A 245 -3.92 -7.01 7.37
N SER A 246 -5.13 -7.54 7.56
CA SER A 246 -5.67 -7.85 8.89
CA SER A 246 -5.61 -7.80 8.91
C SER A 246 -5.08 -9.10 9.49
N GLN A 247 -4.30 -9.89 8.74
CA GLN A 247 -3.71 -11.08 9.32
C GLN A 247 -2.54 -10.77 10.24
N PHE A 248 -2.02 -9.54 10.24
CA PHE A 248 -0.77 -9.25 10.96
C PHE A 248 -0.99 -8.67 12.34
#